data_6UIJ
#
_entry.id   6UIJ
#
_cell.length_a   80.780
_cell.length_b   80.780
_cell.length_c   242.602
_cell.angle_alpha   90.000
_cell.angle_beta   90.000
_cell.angle_gamma   120.000
#
_symmetry.space_group_name_H-M   'P 31 2 1'
#
loop_
_entity.id
_entity.type
_entity.pdbx_description
1 polymer 'Polyamine deacetylase HDAC10'
2 non-polymer 5-[(3-aminopropyl)amino]pentane-1-thiol
3 non-polymer 'ZINC ION'
4 non-polymer 'PHOSPHATE ION'
5 non-polymer 'POTASSIUM ION'
6 water water
#
_entity_poly.entity_id   1
_entity_poly.type   'polypeptide(L)'
_entity_poly.pdbx_seq_one_letter_code
;AASGSALIFDEEMSRYKLLWTDPACEIEVPERLTVSYEALRTHGLAQRCKAVPVRQATEQEILLAHSEEYLEAVKQTPGM
NVEELMAFSKKYNDVYFHQNIYHCAKLAAGATLQLVDSVMKREVRNGMALVRPPGHHSQRSAANGFCVFNNVAFAALYAK
KNYNLNRILIVDWDVHHGQGIQYCFEEDPSVLYFSWHRYEHQSFWPNLPESDYSSVGKGKGSGFNINLPWNKVGMTNSDY
LAAFFHVLLPVAYEFDPELVIVSAGFDSAIGDPEGEMCALPEIFAHLTHLLMPLAAGKMCVVLEGGYNLTSLGQSVCQTV
HSLLGDPTPRISGLGTACDSALESIQNVRNVQSSYWSSFKHLAQSETNPKRPRLDATNGGPKESSEPASESNPKKTAQDI
VWPEPLKRMPASVRTVVVPPPGVELTLPKNCQHSGDISESTAKEVQRIRDKHFHDLTDQNILRSLGNIISVLDRMMRSDE
VCNGCVVVSDLSVSVQCALQHALTEPAERVLVVYVGDGELPVKTNDGKVFLVQICTKETEDKCVNRLTLCLREGESLTAG
FMQALLGLILPVAYEFNPALVLGIVEETAAKTRLMRVWGHMTCLIQGLARGRMLTLLQGYDKDLLELTVSALSGASISPL
GPLRAPKPEDVEMMEKQRQRLQERWGLLRCTVSESW
;
_entity_poly.pdbx_strand_id   A
#
loop_
_chem_comp.id
_chem_comp.type
_chem_comp.name
_chem_comp.formula
K non-polymer 'POTASSIUM ION' 'K 1'
PO4 non-polymer 'PHOSPHATE ION' 'O4 P -3'
SS9 non-polymer 5-[(3-aminopropyl)amino]pentane-1-thiol 'C8 H20 N2 S'
ZN non-polymer 'ZINC ION' 'Zn 2'
#
# COMPACT_ATOMS: atom_id res chain seq x y z
N ALA A 1 -6.43 18.45 -5.93
CA ALA A 1 -6.39 19.73 -5.23
C ALA A 1 -6.04 19.56 -3.75
N ALA A 2 -6.36 18.39 -3.18
CA ALA A 2 -6.13 18.13 -1.75
C ALA A 2 -4.64 18.17 -1.43
N SER A 3 -4.34 18.43 -0.16
CA SER A 3 -2.96 18.71 0.21
C SER A 3 -2.46 17.91 1.40
N GLY A 4 -2.93 18.24 2.60
CA GLY A 4 -2.35 17.72 3.82
C GLY A 4 -2.75 16.30 4.16
N SER A 5 -2.56 15.95 5.43
CA SER A 5 -2.92 14.63 5.96
C SER A 5 -3.38 14.78 7.40
N ALA A 6 -4.62 14.38 7.70
CA ALA A 6 -5.19 14.59 9.03
C ALA A 6 -4.75 13.53 10.04
N LEU A 7 -4.42 13.98 11.25
CA LEU A 7 -4.17 13.09 12.38
C LEU A 7 -5.19 13.41 13.46
N ILE A 8 -6.21 12.56 13.61
CA ILE A 8 -7.22 12.74 14.64
C ILE A 8 -6.81 11.93 15.86
N PHE A 9 -6.77 12.58 17.02
CA PHE A 9 -6.38 11.94 18.26
C PHE A 9 -6.94 12.74 19.42
N ASP A 10 -7.14 12.07 20.56
CA ASP A 10 -7.55 12.75 21.77
C ASP A 10 -7.20 11.89 22.96
N GLU A 11 -6.46 12.45 23.92
CA GLU A 11 -6.03 11.69 25.09
C GLU A 11 -7.19 11.21 25.96
N GLU A 12 -8.41 11.72 25.71
CA GLU A 12 -9.57 11.33 26.52
C GLU A 12 -9.87 9.85 26.38
N MET A 13 -9.57 9.28 25.20
CA MET A 13 -9.80 7.87 24.93
C MET A 13 -8.83 6.95 25.67
N SER A 14 -7.80 7.50 26.29
CA SER A 14 -6.96 6.71 27.19
C SER A 14 -7.51 6.68 28.62
N ARG A 15 -8.63 7.33 28.86
CA ARG A 15 -9.20 7.40 30.21
C ARG A 15 -10.31 6.37 30.40
N TYR A 16 -9.97 5.11 30.15
CA TYR A 16 -10.78 3.95 30.54
C TYR A 16 -9.87 2.72 30.54
N LYS A 17 -10.08 1.84 31.51
CA LYS A 17 -9.17 0.72 31.69
C LYS A 17 -9.96 -0.48 32.16
N LEU A 18 -9.37 -1.67 32.00
CA LEU A 18 -9.91 -2.87 32.63
C LEU A 18 -9.65 -2.82 34.13
N LEU A 19 -10.67 -3.17 34.92
CA LEU A 19 -10.59 -3.06 36.37
C LEU A 19 -10.35 -4.39 37.07
N TRP A 20 -11.17 -5.39 36.77
CA TRP A 20 -11.00 -6.71 37.39
C TRP A 20 -9.91 -7.50 36.68
N THR A 21 -9.58 -8.67 37.26
CA THR A 21 -8.59 -9.56 36.67
C THR A 21 -9.23 -10.33 35.53
N ASP A 22 -8.61 -10.25 34.35
CA ASP A 22 -9.15 -10.89 33.16
C ASP A 22 -8.01 -11.15 32.21
N PRO A 23 -7.46 -12.37 32.19
CA PRO A 23 -6.33 -12.64 31.27
C PRO A 23 -6.68 -12.41 29.81
N ALA A 24 -7.97 -12.42 29.46
CA ALA A 24 -8.37 -12.25 28.08
C ALA A 24 -8.08 -10.83 27.58
N CYS A 25 -8.32 -9.83 28.42
CA CYS A 25 -8.31 -8.42 28.01
C CYS A 25 -7.17 -7.61 28.60
N GLU A 26 -6.34 -8.22 29.46
CA GLU A 26 -5.29 -7.44 30.11
C GLU A 26 -4.30 -6.85 29.11
N ILE A 27 -4.21 -7.40 27.91
CA ILE A 27 -3.32 -6.85 26.89
C ILE A 27 -3.81 -5.50 26.36
N GLU A 28 -5.07 -5.13 26.61
CA GLU A 28 -5.67 -3.93 26.01
C GLU A 28 -5.67 -2.79 27.03
N VAL A 29 -4.64 -1.96 26.96
CA VAL A 29 -4.36 -0.98 28.00
C VAL A 29 -4.44 0.41 27.39
N PRO A 30 -4.66 1.44 28.21
CA PRO A 30 -4.67 2.81 27.68
C PRO A 30 -3.35 3.24 27.10
N GLU A 31 -2.24 2.74 27.66
CA GLU A 31 -0.94 3.13 27.15
C GLU A 31 -0.75 2.80 25.68
N ARG A 32 -1.57 1.90 25.12
CA ARG A 32 -1.53 1.66 23.67
C ARG A 32 -1.67 2.96 22.90
N LEU A 33 -2.53 3.86 23.41
CA LEU A 33 -2.87 5.08 22.70
C LEU A 33 -1.85 6.20 22.95
N THR A 34 -1.35 6.31 24.19
CA THR A 34 -0.38 7.35 24.49
C THR A 34 0.99 7.02 23.90
N VAL A 35 1.40 5.74 23.97
CA VAL A 35 2.70 5.34 23.45
C VAL A 35 2.79 5.63 21.95
N SER A 36 1.69 5.44 21.23
CA SER A 36 1.73 5.60 19.78
C SER A 36 1.64 7.07 19.35
N TYR A 37 1.00 7.92 20.15
CA TYR A 37 1.04 9.35 19.83
C TYR A 37 2.38 9.96 20.23
N GLU A 38 2.87 9.69 21.45
CA GLU A 38 4.18 10.20 21.84
C GLU A 38 5.30 9.65 20.98
N ALA A 39 5.10 8.48 20.35
CA ALA A 39 6.04 8.01 19.35
C ALA A 39 5.96 8.86 18.09
N LEU A 40 4.74 9.22 17.67
CA LEU A 40 4.57 10.14 16.56
C LEU A 40 5.14 11.51 16.89
N ARG A 41 5.00 11.94 18.15
CA ARG A 41 5.57 13.20 18.60
C ARG A 41 7.09 13.17 18.50
N THR A 42 7.71 12.11 19.04
CA THR A 42 9.17 12.00 19.03
C THR A 42 9.73 12.11 17.62
N HIS A 43 9.24 11.28 16.70
CA HIS A 43 9.83 11.23 15.37
C HIS A 43 9.47 12.43 14.51
N GLY A 44 8.73 13.39 15.05
CA GLY A 44 8.46 14.61 14.31
C GLY A 44 7.41 14.48 13.23
N LEU A 45 6.48 13.55 13.37
CA LEU A 45 5.45 13.33 12.37
C LEU A 45 4.10 13.88 12.79
N ALA A 46 3.73 13.73 14.06
CA ALA A 46 2.44 14.21 14.52
C ALA A 46 2.30 15.71 14.26
N GLN A 47 3.39 16.46 14.44
CA GLN A 47 3.38 17.89 14.18
C GLN A 47 3.20 18.23 12.71
N ARG A 48 3.49 17.29 11.82
CA ARG A 48 3.44 17.51 10.38
C ARG A 48 2.05 17.29 9.78
N CYS A 49 1.03 17.03 10.62
CA CYS A 49 -0.29 16.62 10.16
C CYS A 49 -1.37 17.53 10.73
N LYS A 50 -2.33 17.89 9.89
CA LYS A 50 -3.48 18.69 10.33
C LYS A 50 -4.25 17.95 11.42
N ALA A 51 -4.32 18.55 12.61
CA ALA A 51 -4.95 17.92 13.78
C ALA A 51 -6.44 18.24 13.82
N VAL A 52 -7.24 17.39 13.19
CA VAL A 52 -8.69 17.52 13.26
C VAL A 52 -9.16 17.12 14.65
N PRO A 53 -10.12 17.81 15.25
CA PRO A 53 -10.55 17.46 16.61
C PRO A 53 -11.57 16.34 16.63
N VAL A 54 -11.59 15.64 17.75
CA VAL A 54 -12.48 14.52 17.98
C VAL A 54 -13.88 15.05 18.27
N ARG A 55 -14.91 14.37 17.76
CA ARG A 55 -16.29 14.65 18.12
C ARG A 55 -17.00 13.38 18.57
N GLN A 56 -18.11 13.57 19.28
CA GLN A 56 -18.98 12.46 19.59
C GLN A 56 -19.78 12.07 18.36
N ALA A 57 -20.18 10.80 18.30
CA ALA A 57 -20.99 10.32 17.19
C ALA A 57 -22.45 10.42 17.60
N THR A 58 -23.28 11.03 16.75
CA THR A 58 -24.69 11.14 17.09
C THR A 58 -25.29 9.74 17.15
N GLU A 59 -26.33 9.59 17.96
CA GLU A 59 -26.95 8.28 18.09
C GLU A 59 -27.60 7.84 16.77
N GLN A 60 -27.93 8.76 15.88
CA GLN A 60 -28.40 8.38 14.55
C GLN A 60 -27.27 7.92 13.64
N GLU A 61 -26.02 8.29 13.92
CA GLU A 61 -24.89 7.69 13.23
C GLU A 61 -24.57 6.31 13.79
N ILE A 62 -24.80 6.07 15.09
CA ILE A 62 -24.51 4.77 15.67
C ILE A 62 -25.53 3.74 15.20
N LEU A 63 -26.80 4.16 15.07
CA LEU A 63 -27.82 3.26 14.55
C LEU A 63 -27.60 2.87 13.09
N LEU A 64 -26.62 3.49 12.41
CA LEU A 64 -26.29 3.06 11.06
C LEU A 64 -25.84 1.60 11.03
N ALA A 65 -25.17 1.13 12.08
CA ALA A 65 -24.62 -0.21 12.12
C ALA A 65 -24.99 -1.00 13.37
N HIS A 66 -25.77 -0.42 14.28
CA HIS A 66 -26.17 -1.16 15.46
C HIS A 66 -27.65 -0.97 15.71
N SER A 67 -28.18 -1.82 16.58
CA SER A 67 -29.60 -1.85 16.87
C SER A 67 -29.87 -0.99 18.10
N GLU A 68 -31.06 -0.38 18.10
CA GLU A 68 -31.46 0.42 19.26
C GLU A 68 -31.39 -0.38 20.55
N GLU A 69 -31.66 -1.68 20.49
CA GLU A 69 -31.69 -2.48 21.70
C GLU A 69 -30.31 -2.59 22.32
N TYR A 70 -29.28 -2.68 21.49
CA TYR A 70 -27.91 -2.77 21.99
C TYR A 70 -27.29 -1.40 22.25
N LEU A 71 -27.71 -0.37 21.50
CA LEU A 71 -27.29 0.98 21.84
C LEU A 71 -27.76 1.36 23.22
N GLU A 72 -29.02 1.07 23.55
CA GLU A 72 -29.54 1.40 24.86
C GLU A 72 -28.89 0.58 25.95
N ALA A 73 -28.51 -0.67 25.65
CA ALA A 73 -27.83 -1.49 26.65
C ALA A 73 -26.47 -0.90 27.00
N VAL A 74 -25.71 -0.47 26.00
CA VAL A 74 -24.42 0.15 26.24
C VAL A 74 -24.60 1.52 26.90
N LYS A 75 -25.65 2.24 26.49
CA LYS A 75 -25.88 3.60 27.00
C LYS A 75 -26.02 3.64 28.51
N GLN A 76 -26.37 2.52 29.13
CA GLN A 76 -26.60 2.49 30.56
C GLN A 76 -25.37 2.11 31.37
N THR A 77 -24.26 1.79 30.70
CA THR A 77 -23.07 1.37 31.42
C THR A 77 -22.45 2.46 32.28
N PRO A 78 -22.43 3.74 31.85
CA PRO A 78 -21.80 4.77 32.71
C PRO A 78 -22.40 4.87 34.10
N GLY A 79 -23.63 4.39 34.30
CA GLY A 79 -24.24 4.41 35.61
C GLY A 79 -23.96 3.20 36.49
N MET A 80 -23.11 2.27 36.04
CA MET A 80 -22.90 0.99 36.73
C MET A 80 -21.65 1.01 37.59
N ASN A 81 -21.71 0.25 38.69
CA ASN A 81 -20.53 -0.02 39.51
C ASN A 81 -19.93 -1.36 39.09
N VAL A 82 -18.65 -1.56 39.44
CA VAL A 82 -17.88 -2.65 38.85
C VAL A 82 -18.46 -4.02 39.11
N GLU A 83 -19.30 -4.18 40.15
CA GLU A 83 -20.07 -5.42 40.27
C GLU A 83 -20.98 -5.61 39.07
N GLU A 84 -21.60 -4.52 38.60
CA GLU A 84 -22.52 -4.51 37.47
C GLU A 84 -21.83 -4.49 36.13
N LEU A 85 -20.60 -3.95 36.04
CA LEU A 85 -19.93 -3.93 34.75
C LEU A 85 -19.30 -5.26 34.41
N MET A 86 -18.68 -5.94 35.38
CA MET A 86 -18.11 -7.25 35.08
C MET A 86 -19.18 -8.32 34.90
N ALA A 87 -20.43 -8.01 35.25
CA ALA A 87 -21.54 -8.86 34.89
C ALA A 87 -22.06 -8.56 33.49
N PHE A 88 -21.98 -7.28 33.08
CA PHE A 88 -22.43 -6.89 31.75
C PHE A 88 -21.45 -7.32 30.68
N SER A 89 -20.16 -7.43 31.03
CA SER A 89 -19.16 -7.89 30.07
C SER A 89 -19.12 -9.40 29.94
N LYS A 90 -19.56 -10.13 30.98
CA LYS A 90 -19.70 -11.58 30.89
C LYS A 90 -20.72 -11.97 29.83
N LYS A 91 -21.68 -11.07 29.55
CA LYS A 91 -22.65 -11.32 28.49
C LYS A 91 -22.00 -11.37 27.11
N TYR A 92 -20.77 -10.90 26.97
CA TYR A 92 -20.06 -10.88 25.70
C TYR A 92 -18.77 -11.66 25.85
N ASN A 93 -18.06 -11.82 24.74
N ASN A 93 -18.05 -11.82 24.75
CA ASN A 93 -16.84 -12.62 24.68
CA ASN A 93 -16.86 -12.66 24.74
C ASN A 93 -15.64 -11.71 24.53
C ASN A 93 -15.63 -11.79 24.52
N ASP A 94 -14.72 -11.78 25.51
CA ASP A 94 -13.43 -11.09 25.42
C ASP A 94 -13.60 -9.58 25.24
N VAL A 95 -14.47 -9.00 26.06
CA VAL A 95 -14.61 -7.55 26.10
C VAL A 95 -14.89 -7.15 27.54
N TYR A 96 -14.40 -5.96 27.90
CA TYR A 96 -14.63 -5.39 29.21
C TYR A 96 -15.24 -4.00 29.04
N PHE A 97 -16.00 -3.59 30.05
CA PHE A 97 -16.67 -2.30 30.06
C PHE A 97 -16.18 -1.45 31.22
N HIS A 98 -16.24 -0.14 31.03
CA HIS A 98 -15.77 0.88 31.97
C HIS A 98 -16.87 1.92 32.14
N GLN A 99 -16.72 2.78 33.16
CA GLN A 99 -17.64 3.90 33.29
C GLN A 99 -17.53 4.87 32.12
N ASN A 100 -16.34 4.98 31.52
CA ASN A 100 -16.06 5.93 30.45
C ASN A 100 -16.07 5.28 29.07
N ILE A 101 -16.27 3.95 28.98
CA ILE A 101 -16.11 3.25 27.71
C ILE A 101 -17.16 3.71 26.70
N TYR A 102 -18.40 3.90 27.15
CA TYR A 102 -19.43 4.42 26.25
C TYR A 102 -19.07 5.81 25.75
N HIS A 103 -18.56 6.67 26.64
CA HIS A 103 -18.15 8.00 26.23
C HIS A 103 -17.03 7.93 25.21
N CYS A 104 -16.00 7.11 25.48
CA CYS A 104 -14.88 7.01 24.54
C CYS A 104 -15.28 6.27 23.27
N ALA A 105 -16.19 5.31 23.35
CA ALA A 105 -16.63 4.62 22.14
C ALA A 105 -17.28 5.59 21.16
N LYS A 106 -18.11 6.51 21.68
CA LYS A 106 -18.69 7.55 20.84
C LYS A 106 -17.62 8.49 20.29
N LEU A 107 -16.52 8.69 21.02
CA LEU A 107 -15.41 9.49 20.50
C LEU A 107 -14.66 8.75 19.41
N ALA A 108 -14.32 7.48 19.65
CA ALA A 108 -13.67 6.66 18.64
C ALA A 108 -14.49 6.62 17.35
N ALA A 109 -15.82 6.53 17.48
CA ALA A 109 -16.68 6.56 16.30
C ALA A 109 -16.65 7.93 15.63
N GLY A 110 -16.96 8.99 16.38
CA GLY A 110 -16.97 10.32 15.80
C GLY A 110 -15.63 10.74 15.24
N ALA A 111 -14.53 10.27 15.83
CA ALA A 111 -13.21 10.60 15.32
C ALA A 111 -12.97 10.00 13.95
N THR A 112 -13.56 8.83 13.69
CA THR A 112 -13.49 8.21 12.37
C THR A 112 -14.26 9.02 11.34
N LEU A 113 -15.51 9.36 11.66
CA LEU A 113 -16.32 10.16 10.74
C LEU A 113 -15.71 11.54 10.53
N GLN A 114 -15.13 12.13 11.57
CA GLN A 114 -14.33 13.34 11.37
C GLN A 114 -13.28 13.11 10.29
N LEU A 115 -12.55 12.01 10.38
CA LEU A 115 -11.56 11.68 9.36
C LEU A 115 -12.19 11.46 8.00
N VAL A 116 -13.37 10.85 7.95
CA VAL A 116 -14.03 10.61 6.66
C VAL A 116 -14.41 11.93 6.02
N ASP A 117 -15.01 12.84 6.79
CA ASP A 117 -15.37 14.15 6.27
C ASP A 117 -14.15 14.91 5.78
N SER A 118 -13.07 14.94 6.59
CA SER A 118 -11.86 15.67 6.20
C SER A 118 -11.33 15.20 4.86
N VAL A 119 -11.24 13.88 4.67
CA VAL A 119 -10.66 13.34 3.45
C VAL A 119 -11.61 13.57 2.26
N MET A 120 -12.90 13.30 2.47
CA MET A 120 -13.88 13.41 1.39
C MET A 120 -14.19 14.85 1.01
N LYS A 121 -13.99 15.81 1.92
CA LYS A 121 -14.16 17.22 1.61
C LYS A 121 -12.94 17.84 0.94
N ARG A 122 -11.97 17.02 0.53
CA ARG A 122 -10.71 17.44 -0.09
C ARG A 122 -9.87 18.34 0.83
N GLU A 123 -10.21 18.39 2.12
CA GLU A 123 -9.45 19.21 3.05
C GLU A 123 -8.06 18.63 3.30
N VAL A 124 -7.91 17.31 3.17
CA VAL A 124 -6.65 16.63 3.34
C VAL A 124 -6.59 15.49 2.33
N ARG A 125 -5.36 15.08 1.97
CA ARG A 125 -5.20 14.01 0.98
C ARG A 125 -5.56 12.66 1.59
N ASN A 126 -5.18 12.43 2.84
CA ASN A 126 -5.42 11.19 3.55
C ASN A 126 -5.40 11.50 5.04
N GLY A 127 -5.39 10.47 5.87
CA GLY A 127 -5.40 10.72 7.30
C GLY A 127 -5.51 9.44 8.11
N MET A 128 -5.23 9.58 9.40
CA MET A 128 -5.23 8.48 10.35
C MET A 128 -5.88 8.94 11.64
N ALA A 129 -6.59 8.03 12.29
CA ALA A 129 -7.25 8.29 13.56
C ALA A 129 -6.72 7.34 14.62
N LEU A 130 -6.09 7.87 15.66
CA LEU A 130 -5.64 7.09 16.82
C LEU A 130 -6.78 7.06 17.83
N VAL A 131 -7.52 5.95 17.86
CA VAL A 131 -8.69 5.86 18.71
C VAL A 131 -8.69 4.56 19.51
N ARG A 132 -9.58 4.50 20.49
CA ARG A 132 -9.75 3.41 21.42
C ARG A 132 -11.16 3.54 21.99
N PRO A 133 -11.94 2.45 22.06
CA PRO A 133 -11.69 1.05 21.72
C PRO A 133 -11.69 0.75 20.21
N PRO A 134 -11.23 -0.46 19.82
CA PRO A 134 -11.24 -0.84 18.40
C PRO A 134 -12.65 -1.07 17.89
N GLY A 135 -12.78 -1.54 16.64
CA GLY A 135 -14.10 -1.69 16.04
C GLY A 135 -14.44 -3.02 15.39
N HIS A 136 -13.51 -3.62 14.63
CA HIS A 136 -13.88 -4.64 13.65
C HIS A 136 -14.49 -5.91 14.23
N HIS A 137 -14.45 -6.12 15.54
CA HIS A 137 -15.04 -7.30 16.14
C HIS A 137 -16.47 -7.07 16.62
N SER A 138 -16.93 -5.83 16.73
CA SER A 138 -18.27 -5.59 17.24
C SER A 138 -19.29 -5.78 16.14
N GLN A 139 -20.50 -6.20 16.53
CA GLN A 139 -21.54 -6.57 15.58
C GLN A 139 -22.82 -5.77 15.87
N ARG A 140 -23.87 -6.08 15.10
N ARG A 140 -23.88 -6.07 15.10
CA ARG A 140 -25.11 -5.30 15.11
CA ARG A 140 -25.10 -5.26 15.14
C ARG A 140 -25.68 -5.13 16.51
C ARG A 140 -25.61 -5.09 16.56
N SER A 141 -25.49 -6.13 17.39
CA SER A 141 -26.07 -6.08 18.73
C SER A 141 -25.20 -6.81 19.73
N ALA A 142 -23.87 -6.72 19.56
CA ALA A 142 -22.98 -7.37 20.51
C ALA A 142 -21.62 -6.70 20.48
N ALA A 143 -21.10 -6.41 21.66
CA ALA A 143 -19.70 -6.07 21.81
C ALA A 143 -18.88 -7.36 21.79
N ASN A 144 -17.67 -7.28 21.27
CA ASN A 144 -16.87 -8.48 21.12
C ASN A 144 -15.42 -8.11 20.88
N GLY A 145 -14.51 -8.82 21.56
CA GLY A 145 -13.09 -8.67 21.31
C GLY A 145 -12.60 -7.23 21.40
N PHE A 146 -12.71 -6.65 22.61
CA PHE A 146 -12.21 -5.32 22.95
C PHE A 146 -13.00 -4.20 22.24
N CYS A 147 -13.92 -4.55 21.34
CA CYS A 147 -14.68 -3.57 20.57
C CYS A 147 -16.07 -3.38 21.15
N VAL A 148 -16.62 -2.18 20.91
CA VAL A 148 -17.97 -1.80 21.35
C VAL A 148 -18.81 -1.43 20.14
N PHE A 149 -18.32 -0.47 19.34
CA PHE A 149 -18.98 -0.05 18.12
C PHE A 149 -18.02 -0.23 16.95
N ASN A 150 -18.56 -0.56 15.78
CA ASN A 150 -17.69 -0.84 14.64
C ASN A 150 -17.34 0.46 13.95
N ASN A 151 -16.19 1.03 14.32
CA ASN A 151 -15.80 2.34 13.83
C ASN A 151 -15.64 2.33 12.32
N VAL A 152 -14.91 1.35 11.78
CA VAL A 152 -14.67 1.29 10.34
C VAL A 152 -15.97 1.05 9.56
N ALA A 153 -16.88 0.28 10.13
CA ALA A 153 -18.18 0.07 9.48
C ALA A 153 -18.96 1.37 9.37
N PHE A 154 -18.97 2.17 10.46
CA PHE A 154 -19.60 3.49 10.44
C PHE A 154 -19.11 4.33 9.27
N ALA A 155 -17.78 4.43 9.13
CA ALA A 155 -17.19 5.22 8.06
C ALA A 155 -17.72 4.82 6.69
N ALA A 156 -17.86 3.52 6.44
CA ALA A 156 -18.33 3.04 5.14
C ALA A 156 -19.79 3.43 4.92
N LEU A 157 -20.67 3.04 5.85
CA LEU A 157 -22.06 3.47 5.77
C LEU A 157 -22.16 4.99 5.72
N TYR A 158 -21.34 5.68 6.52
CA TYR A 158 -21.36 7.15 6.55
C TYR A 158 -20.99 7.75 5.21
N ALA A 159 -19.87 7.30 4.63
CA ALA A 159 -19.47 7.79 3.32
C ALA A 159 -20.48 7.41 2.25
N LYS A 160 -21.12 6.25 2.38
CA LYS A 160 -22.18 5.88 1.44
C LYS A 160 -23.35 6.84 1.55
N LYS A 161 -23.83 7.06 2.78
CA LYS A 161 -25.02 7.88 3.00
C LYS A 161 -24.78 9.34 2.61
N ASN A 162 -23.68 9.92 3.08
CA ASN A 162 -23.49 11.35 3.02
C ASN A 162 -22.67 11.80 1.83
N TYR A 163 -22.17 10.89 1.02
CA TYR A 163 -21.38 11.28 -0.14
C TYR A 163 -21.73 10.48 -1.38
N ASN A 164 -22.74 9.60 -1.31
CA ASN A 164 -23.26 8.90 -2.48
C ASN A 164 -22.18 8.03 -3.12
N LEU A 165 -21.43 7.31 -2.28
CA LEU A 165 -20.35 6.44 -2.75
C LEU A 165 -20.88 5.07 -3.13
N ASN A 166 -20.36 4.55 -4.24
CA ASN A 166 -20.77 3.25 -4.77
C ASN A 166 -19.75 2.16 -4.53
N ARG A 167 -18.50 2.50 -4.27
CA ARG A 167 -17.41 1.53 -4.21
C ARG A 167 -16.44 1.97 -3.12
N ILE A 168 -16.52 1.31 -1.97
CA ILE A 168 -15.62 1.53 -0.84
C ILE A 168 -14.82 0.25 -0.65
N LEU A 169 -13.50 0.40 -0.44
CA LEU A 169 -12.61 -0.71 -0.13
C LEU A 169 -12.19 -0.63 1.34
N ILE A 170 -12.46 -1.70 2.09
CA ILE A 170 -12.01 -1.83 3.48
C ILE A 170 -10.91 -2.88 3.51
N VAL A 171 -9.74 -2.49 3.98
CA VAL A 171 -8.60 -3.39 4.13
C VAL A 171 -8.35 -3.54 5.62
N ASP A 172 -8.53 -4.75 6.13
CA ASP A 172 -8.35 -5.07 7.54
C ASP A 172 -7.05 -5.88 7.69
N TRP A 173 -5.94 -5.17 7.92
CA TRP A 173 -4.66 -5.83 8.10
C TRP A 173 -4.33 -6.07 9.57
N ASP A 174 -5.31 -5.91 10.45
CA ASP A 174 -5.20 -6.49 11.79
C ASP A 174 -5.07 -8.01 11.68
N VAL A 175 -4.48 -8.63 12.69
CA VAL A 175 -4.21 -10.07 12.65
C VAL A 175 -5.39 -10.90 13.12
N HIS A 176 -6.44 -10.28 13.65
CA HIS A 176 -7.68 -10.97 13.93
C HIS A 176 -8.67 -10.68 12.81
N HIS A 177 -9.63 -11.59 12.64
CA HIS A 177 -10.67 -11.41 11.65
C HIS A 177 -11.70 -10.40 12.14
N GLY A 178 -11.96 -9.38 11.35
CA GLY A 178 -13.02 -8.44 11.65
C GLY A 178 -14.40 -8.96 11.27
N GLN A 179 -14.93 -9.90 12.04
CA GLN A 179 -16.19 -10.52 11.65
C GLN A 179 -17.33 -9.51 11.65
N GLY A 180 -17.29 -8.51 12.52
CA GLY A 180 -18.32 -7.49 12.52
C GLY A 180 -18.37 -6.70 11.22
N ILE A 181 -17.21 -6.51 10.59
CA ILE A 181 -17.19 -5.84 9.30
C ILE A 181 -17.75 -6.76 8.21
N GLN A 182 -17.33 -8.04 8.24
CA GLN A 182 -17.83 -8.99 7.26
C GLN A 182 -19.33 -9.20 7.41
N TYR A 183 -19.81 -9.35 8.65
CA TYR A 183 -21.24 -9.49 8.87
C TYR A 183 -22.01 -8.28 8.33
N CYS A 184 -21.48 -7.07 8.57
CA CYS A 184 -22.22 -5.86 8.23
C CYS A 184 -22.52 -5.77 6.74
N PHE A 185 -21.50 -5.98 5.91
CA PHE A 185 -21.63 -5.84 4.47
C PHE A 185 -21.65 -7.18 3.74
N GLU A 186 -22.08 -8.25 4.43
CA GLU A 186 -22.05 -9.58 3.84
C GLU A 186 -22.76 -9.61 2.50
N GLU A 187 -24.04 -9.21 2.48
CA GLU A 187 -24.84 -9.12 1.27
C GLU A 187 -24.70 -7.78 0.55
N ASP A 188 -23.63 -7.03 0.79
CA ASP A 188 -23.47 -5.68 0.26
C ASP A 188 -22.30 -5.63 -0.71
N PRO A 189 -22.53 -5.44 -2.01
CA PRO A 189 -21.43 -5.42 -2.99
C PRO A 189 -20.78 -4.07 -3.21
N SER A 190 -21.19 -3.02 -2.50
CA SER A 190 -20.57 -1.71 -2.63
C SER A 190 -19.43 -1.49 -1.65
N VAL A 191 -19.35 -2.31 -0.60
CA VAL A 191 -18.25 -2.27 0.35
C VAL A 191 -17.46 -3.56 0.16
N LEU A 192 -16.25 -3.45 -0.39
CA LEU A 192 -15.37 -4.59 -0.59
C LEU A 192 -14.49 -4.78 0.65
N TYR A 193 -14.75 -5.84 1.41
CA TYR A 193 -14.01 -6.15 2.62
C TYR A 193 -12.90 -7.17 2.32
N PHE A 194 -11.70 -6.88 2.81
CA PHE A 194 -10.56 -7.78 2.74
C PHE A 194 -9.99 -7.92 4.14
N SER A 195 -9.77 -9.16 4.58
CA SER A 195 -9.23 -9.39 5.91
C SER A 195 -8.27 -10.55 5.84
N TRP A 196 -7.02 -10.33 6.23
CA TRP A 196 -6.13 -11.42 6.55
C TRP A 196 -6.03 -11.52 8.06
N HIS A 197 -5.84 -12.73 8.56
CA HIS A 197 -5.95 -12.93 10.01
C HIS A 197 -5.36 -14.27 10.39
N ARG A 198 -4.93 -14.37 11.64
CA ARG A 198 -4.40 -15.62 12.17
C ARG A 198 -5.58 -16.58 12.37
N TYR A 199 -5.56 -17.69 11.65
CA TYR A 199 -6.63 -18.67 11.65
C TYR A 199 -6.20 -19.97 12.32
N GLU A 200 -5.07 -20.52 11.89
CA GLU A 200 -4.56 -21.80 12.39
C GLU A 200 -5.64 -22.88 12.30
N HIS A 201 -6.27 -22.97 11.12
CA HIS A 201 -7.34 -23.93 10.86
C HIS A 201 -8.45 -23.85 11.91
N GLN A 202 -8.96 -22.63 12.13
CA GLN A 202 -10.01 -22.30 13.09
C GLN A 202 -9.58 -22.46 14.53
N SER A 203 -8.31 -22.74 14.79
CA SER A 203 -7.84 -22.92 16.15
C SER A 203 -7.69 -21.59 16.91
N PHE A 204 -7.59 -20.47 16.20
CA PHE A 204 -7.33 -19.18 16.83
C PHE A 204 -8.59 -18.32 16.91
N TRP A 205 -8.60 -17.44 17.92
CA TRP A 205 -9.72 -16.56 18.18
C TRP A 205 -9.99 -15.66 16.97
N PRO A 206 -11.25 -15.46 16.57
CA PRO A 206 -12.50 -15.83 17.25
C PRO A 206 -13.06 -17.24 16.95
N ASN A 207 -12.27 -18.11 16.30
CA ASN A 207 -12.66 -19.49 16.03
C ASN A 207 -13.95 -19.56 15.20
N LEU A 208 -13.92 -18.92 14.04
CA LEU A 208 -15.11 -18.84 13.19
C LEU A 208 -14.87 -19.57 11.87
N PRO A 209 -15.81 -20.41 11.42
CA PRO A 209 -15.70 -20.94 10.05
C PRO A 209 -15.94 -19.90 8.99
N GLU A 210 -16.61 -18.78 9.33
CA GLU A 210 -16.80 -17.69 8.38
C GLU A 210 -15.52 -16.90 8.14
N SER A 211 -14.53 -17.03 9.02
CA SER A 211 -13.26 -16.36 8.79
C SER A 211 -12.45 -17.04 7.68
N ASP A 212 -12.83 -18.24 7.27
CA ASP A 212 -12.11 -18.98 6.24
C ASP A 212 -12.32 -18.37 4.84
N TYR A 213 -11.43 -18.74 3.91
CA TYR A 213 -11.63 -18.40 2.51
C TYR A 213 -12.93 -18.97 1.95
N SER A 214 -13.56 -19.91 2.66
CA SER A 214 -14.91 -20.34 2.31
C SER A 214 -15.85 -19.14 2.10
N SER A 215 -15.96 -18.27 3.12
CA SER A 215 -16.93 -17.19 3.11
C SER A 215 -16.51 -16.08 2.15
N VAL A 216 -17.40 -15.75 1.21
CA VAL A 216 -17.08 -14.77 0.17
C VAL A 216 -18.20 -13.76 0.04
N GLY A 217 -19.26 -13.95 0.83
CA GLY A 217 -20.41 -13.08 0.76
C GLY A 217 -21.70 -13.77 0.36
N LYS A 218 -22.80 -13.45 1.04
CA LYS A 218 -24.10 -13.99 0.71
C LYS A 218 -24.79 -13.12 -0.33
N GLY A 219 -25.76 -13.71 -1.03
CA GLY A 219 -26.65 -12.97 -1.92
C GLY A 219 -25.92 -12.17 -2.99
N LYS A 220 -26.46 -10.99 -3.29
CA LYS A 220 -25.96 -10.18 -4.40
C LYS A 220 -24.58 -9.60 -4.15
N GLY A 221 -24.03 -9.78 -2.95
CA GLY A 221 -22.72 -9.26 -2.62
C GLY A 221 -21.61 -10.28 -2.68
N SER A 222 -21.90 -11.49 -3.13
CA SER A 222 -20.90 -12.55 -3.21
C SER A 222 -19.73 -12.13 -4.08
N GLY A 223 -18.52 -12.37 -3.57
CA GLY A 223 -17.31 -11.95 -4.23
C GLY A 223 -16.74 -10.65 -3.71
N PHE A 224 -17.42 -10.00 -2.76
CA PHE A 224 -16.95 -8.75 -2.19
C PHE A 224 -16.53 -8.92 -0.75
N ASN A 225 -16.42 -10.15 -0.28
CA ASN A 225 -15.80 -10.50 1.00
C ASN A 225 -14.63 -11.42 0.69
N ILE A 226 -13.44 -11.05 1.15
CA ILE A 226 -12.21 -11.79 0.88
C ILE A 226 -11.52 -12.07 2.21
N ASN A 227 -11.45 -13.34 2.58
CA ASN A 227 -10.73 -13.77 3.78
C ASN A 227 -9.47 -14.50 3.35
N LEU A 228 -8.31 -14.05 3.87
CA LEU A 228 -7.03 -14.73 3.69
C LEU A 228 -6.59 -15.32 5.03
N PRO A 229 -6.81 -16.61 5.27
CA PRO A 229 -6.50 -17.15 6.60
C PRO A 229 -5.05 -17.61 6.73
N TRP A 230 -4.32 -16.99 7.64
CA TRP A 230 -3.00 -17.49 8.00
C TRP A 230 -3.18 -18.74 8.86
N ASN A 231 -2.59 -19.86 8.43
CA ASN A 231 -2.78 -21.11 9.15
C ASN A 231 -1.57 -21.51 9.99
N LYS A 232 -0.47 -20.75 9.89
CA LYS A 232 0.72 -20.93 10.72
C LYS A 232 1.22 -19.55 11.13
N VAL A 233 1.75 -19.45 12.35
CA VAL A 233 2.28 -18.18 12.84
C VAL A 233 3.66 -17.94 12.24
N GLY A 234 4.24 -16.78 12.52
CA GLY A 234 5.57 -16.44 12.04
C GLY A 234 5.65 -15.98 10.60
N MET A 235 4.63 -15.27 10.11
CA MET A 235 4.64 -14.80 8.72
C MET A 235 5.66 -13.68 8.50
N THR A 236 6.39 -13.78 7.41
CA THR A 236 7.44 -12.84 7.08
C THR A 236 6.90 -11.72 6.19
N ASN A 237 7.74 -10.70 5.97
CA ASN A 237 7.39 -9.63 5.05
C ASN A 237 6.98 -10.19 3.69
N SER A 238 7.71 -11.20 3.19
CA SER A 238 7.38 -11.78 1.90
C SER A 238 6.00 -12.41 1.90
N ASP A 239 5.55 -12.91 3.05
CA ASP A 239 4.20 -13.44 3.14
C ASP A 239 3.17 -12.33 2.98
N TYR A 240 3.37 -11.20 3.67
CA TYR A 240 2.42 -10.08 3.60
C TYR A 240 2.38 -9.47 2.20
N LEU A 241 3.54 -9.31 1.56
CA LEU A 241 3.59 -8.71 0.24
C LEU A 241 2.98 -9.62 -0.82
N ALA A 242 3.27 -10.92 -0.77
CA ALA A 242 2.69 -11.83 -1.74
C ALA A 242 1.17 -11.82 -1.65
N ALA A 243 0.63 -11.59 -0.44
CA ALA A 243 -0.81 -11.46 -0.28
C ALA A 243 -1.33 -10.22 -1.00
N PHE A 244 -0.58 -9.11 -0.91
CA PHE A 244 -0.98 -7.91 -1.63
C PHE A 244 -0.88 -8.12 -3.13
N PHE A 245 0.28 -8.57 -3.60
CA PHE A 245 0.54 -8.64 -5.05
C PHE A 245 -0.40 -9.59 -5.76
N HIS A 246 -0.88 -10.61 -5.05
CA HIS A 246 -1.53 -11.73 -5.72
C HIS A 246 -2.99 -11.93 -5.35
N VAL A 247 -3.51 -11.26 -4.32
CA VAL A 247 -4.96 -11.30 -4.13
C VAL A 247 -5.53 -9.89 -3.95
N LEU A 248 -4.91 -9.05 -3.12
CA LEU A 248 -5.56 -7.79 -2.76
C LEU A 248 -5.40 -6.73 -3.85
N LEU A 249 -4.17 -6.42 -4.24
CA LEU A 249 -3.96 -5.39 -5.25
C LEU A 249 -4.63 -5.70 -6.58
N PRO A 250 -4.57 -6.92 -7.14
CA PRO A 250 -5.29 -7.16 -8.40
C PRO A 250 -6.78 -6.93 -8.28
N VAL A 251 -7.38 -7.25 -7.13
CA VAL A 251 -8.82 -7.04 -6.95
C VAL A 251 -9.13 -5.57 -6.74
N ALA A 252 -8.27 -4.85 -6.03
CA ALA A 252 -8.54 -3.45 -5.71
C ALA A 252 -8.53 -2.57 -6.96
N TYR A 253 -7.63 -2.86 -7.91
CA TYR A 253 -7.53 -1.99 -9.08
C TYR A 253 -8.65 -2.24 -10.07
N GLU A 254 -9.18 -3.46 -10.16
CA GLU A 254 -10.34 -3.66 -11.00
C GLU A 254 -11.64 -3.42 -10.25
N PHE A 255 -11.57 -3.25 -8.93
CA PHE A 255 -12.70 -2.72 -8.19
C PHE A 255 -12.81 -1.21 -8.36
N ASP A 256 -11.66 -0.53 -8.44
CA ASP A 256 -11.53 0.92 -8.55
C ASP A 256 -12.36 1.60 -7.47
N PRO A 257 -11.92 1.56 -6.22
CA PRO A 257 -12.74 2.13 -5.15
C PRO A 257 -12.67 3.64 -5.19
N GLU A 258 -13.74 4.27 -4.67
CA GLU A 258 -13.79 5.72 -4.58
C GLU A 258 -13.35 6.21 -3.21
N LEU A 259 -13.15 5.30 -2.28
CA LEU A 259 -12.62 5.63 -0.95
C LEU A 259 -12.06 4.35 -0.35
N VAL A 260 -10.82 4.41 0.12
CA VAL A 260 -10.15 3.31 0.79
C VAL A 260 -10.16 3.58 2.29
N ILE A 261 -10.63 2.62 3.07
CA ILE A 261 -10.59 2.68 4.53
C ILE A 261 -9.79 1.49 5.03
N VAL A 262 -8.95 1.72 6.04
CA VAL A 262 -8.01 0.71 6.53
C VAL A 262 -8.28 0.44 8.00
N SER A 263 -8.48 -0.84 8.34
CA SER A 263 -8.47 -1.27 9.73
C SER A 263 -7.03 -1.54 10.10
N ALA A 264 -6.35 -0.50 10.58
CA ALA A 264 -4.95 -0.60 10.90
C ALA A 264 -4.81 -1.30 12.25
N GLY A 265 -4.52 -2.59 12.22
CA GLY A 265 -4.14 -3.33 13.41
C GLY A 265 -2.68 -3.71 13.31
N PHE A 266 -1.93 -3.38 14.36
CA PHE A 266 -0.49 -3.65 14.35
C PHE A 266 -0.10 -4.79 15.28
N ASP A 267 -1.09 -5.58 15.71
CA ASP A 267 -0.78 -6.89 16.26
C ASP A 267 -0.30 -7.86 15.18
N SER A 268 -0.40 -7.46 13.91
CA SER A 268 0.14 -8.20 12.77
C SER A 268 1.63 -8.02 12.60
N ALA A 269 2.30 -7.41 13.57
CA ALA A 269 3.71 -7.08 13.48
C ALA A 269 4.52 -7.99 14.39
N ILE A 270 5.85 -7.99 14.16
CA ILE A 270 6.75 -8.84 14.92
C ILE A 270 6.77 -8.40 16.39
N GLY A 271 6.74 -9.38 17.30
CA GLY A 271 6.79 -9.11 18.71
C GLY A 271 5.45 -8.98 19.40
N ASP A 272 4.34 -8.99 18.66
CA ASP A 272 3.03 -8.82 19.30
C ASP A 272 2.60 -10.12 19.97
N PRO A 273 2.26 -10.10 21.26
CA PRO A 273 1.98 -11.36 21.97
C PRO A 273 0.78 -12.09 21.45
N GLU A 274 -0.07 -11.43 20.68
CA GLU A 274 -1.31 -12.00 20.21
C GLU A 274 -1.26 -12.45 18.76
N GLY A 275 -0.49 -11.77 17.92
CA GLY A 275 -0.42 -12.13 16.52
C GLY A 275 0.64 -13.17 16.22
N GLU A 276 1.78 -13.06 16.90
CA GLU A 276 2.91 -13.98 16.78
C GLU A 276 3.42 -14.07 15.34
N MET A 277 3.30 -12.99 14.58
CA MET A 277 3.86 -12.91 13.24
C MET A 277 5.28 -12.32 13.31
N CYS A 278 5.89 -12.14 12.14
CA CYS A 278 7.29 -11.74 12.07
C CYS A 278 7.52 -10.62 11.07
N ALA A 279 6.45 -9.97 10.61
CA ALA A 279 6.61 -8.83 9.73
C ALA A 279 7.18 -7.67 10.53
N LEU A 280 8.19 -7.02 9.95
CA LEU A 280 8.82 -5.87 10.56
C LEU A 280 7.91 -4.65 10.41
N PRO A 281 8.06 -3.65 11.29
CA PRO A 281 7.23 -2.44 11.17
C PRO A 281 7.34 -1.76 9.81
N GLU A 282 8.49 -1.85 9.15
CA GLU A 282 8.66 -1.22 7.84
C GLU A 282 7.62 -1.69 6.83
N ILE A 283 7.11 -2.91 6.98
CA ILE A 283 6.20 -3.44 5.96
C ILE A 283 4.96 -2.58 5.85
N PHE A 284 4.56 -1.91 6.93
CA PHE A 284 3.34 -1.11 6.91
C PHE A 284 3.54 0.19 6.13
N ALA A 285 4.77 0.68 6.03
CA ALA A 285 5.02 1.79 5.13
C ALA A 285 4.72 1.38 3.69
N HIS A 286 4.91 0.10 3.36
CA HIS A 286 4.65 -0.38 2.01
C HIS A 286 3.21 -0.84 1.83
N LEU A 287 2.63 -1.49 2.84
CA LEU A 287 1.21 -1.79 2.75
C LEU A 287 0.40 -0.52 2.56
N THR A 288 0.82 0.58 3.19
CA THR A 288 0.17 1.87 3.00
C THR A 288 0.46 2.43 1.61
N HIS A 289 1.73 2.45 1.21
CA HIS A 289 2.10 3.04 -0.07
C HIS A 289 1.48 2.29 -1.25
N LEU A 290 1.42 0.96 -1.18
CA LEU A 290 0.88 0.19 -2.28
C LEU A 290 -0.60 0.50 -2.51
N LEU A 291 -1.28 1.03 -1.50
CA LEU A 291 -2.70 1.36 -1.57
C LEU A 291 -2.97 2.81 -1.94
N MET A 292 -1.94 3.65 -2.01
CA MET A 292 -2.17 5.07 -2.29
C MET A 292 -2.76 5.34 -3.66
N PRO A 293 -2.33 4.70 -4.75
CA PRO A 293 -2.91 5.06 -6.05
C PRO A 293 -4.37 4.67 -6.24
N LEU A 294 -5.05 4.21 -5.18
CA LEU A 294 -6.47 3.88 -5.26
C LEU A 294 -7.29 4.99 -4.63
N ALA A 295 -8.47 5.23 -5.21
CA ALA A 295 -9.38 6.29 -4.76
C ALA A 295 -8.70 7.66 -4.79
N ALA A 296 -7.75 7.86 -5.71
CA ALA A 296 -7.02 9.12 -5.84
C ALA A 296 -6.38 9.53 -4.52
N GLY A 297 -5.89 8.54 -3.77
CA GLY A 297 -5.23 8.79 -2.50
C GLY A 297 -6.14 8.92 -1.31
N LYS A 298 -7.45 9.05 -1.51
CA LYS A 298 -8.37 9.27 -0.39
C LYS A 298 -8.42 8.06 0.52
N MET A 299 -7.54 8.02 1.53
CA MET A 299 -7.35 6.84 2.37
C MET A 299 -7.51 7.22 3.84
N CYS A 300 -8.37 6.50 4.56
CA CYS A 300 -8.68 6.78 5.95
C CYS A 300 -8.22 5.60 6.82
N VAL A 301 -7.10 5.79 7.49
CA VAL A 301 -6.51 4.78 8.35
C VAL A 301 -7.13 4.90 9.74
N VAL A 302 -7.59 3.79 10.30
CA VAL A 302 -8.18 3.78 11.63
C VAL A 302 -7.54 2.68 12.46
N LEU A 303 -7.07 3.02 13.66
CA LEU A 303 -6.36 2.07 14.50
C LEU A 303 -7.30 1.00 15.06
N GLU A 304 -6.79 -0.23 15.13
CA GLU A 304 -7.52 -1.35 15.70
C GLU A 304 -6.68 -1.92 16.82
N GLY A 305 -5.96 -3.02 16.60
CA GLY A 305 -5.13 -3.64 17.60
C GLY A 305 -3.65 -3.33 17.42
N GLY A 306 -2.84 -3.98 18.27
CA GLY A 306 -1.41 -3.74 18.40
C GLY A 306 -1.06 -3.59 19.86
N TYR A 307 -0.39 -4.60 20.44
CA TYR A 307 -0.35 -4.73 21.90
C TYR A 307 1.05 -4.84 22.47
N ASN A 308 2.09 -4.82 21.65
CA ASN A 308 3.46 -4.66 22.14
C ASN A 308 3.74 -3.16 22.12
N LEU A 309 3.76 -2.54 23.31
CA LEU A 309 3.90 -1.10 23.37
C LEU A 309 5.18 -0.62 22.71
N THR A 310 6.19 -1.49 22.62
CA THR A 310 7.40 -1.13 21.89
C THR A 310 7.22 -1.22 20.37
N SER A 311 6.78 -2.39 19.89
CA SER A 311 6.59 -2.61 18.45
C SER A 311 5.42 -1.83 17.89
N LEU A 312 4.49 -1.38 18.74
CA LEU A 312 3.32 -0.65 18.26
C LEU A 312 3.71 0.72 17.74
N GLY A 313 4.44 1.49 18.56
CA GLY A 313 4.83 2.83 18.15
C GLY A 313 5.61 2.86 16.86
N GLN A 314 6.46 1.85 16.63
CA GLN A 314 7.31 1.86 15.44
C GLN A 314 6.49 1.70 14.17
N SER A 315 5.43 0.89 14.22
CA SER A 315 4.65 0.60 13.01
C SER A 315 3.63 1.68 12.74
N VAL A 316 3.18 2.38 13.80
CA VAL A 316 2.33 3.55 13.62
C VAL A 316 3.08 4.64 12.88
N CYS A 317 4.36 4.83 13.19
CA CYS A 317 5.15 5.87 12.56
C CYS A 317 5.47 5.53 11.10
N GLN A 318 5.73 4.25 10.82
CA GLN A 318 5.97 3.84 9.43
C GLN A 318 4.75 4.06 8.56
N THR A 319 3.56 3.94 9.15
CA THR A 319 2.33 4.19 8.41
C THR A 319 2.18 5.67 8.08
N VAL A 320 2.26 6.54 9.09
CA VAL A 320 2.09 7.98 8.87
C VAL A 320 3.20 8.54 8.00
N HIS A 321 4.42 7.99 8.09
CA HIS A 321 5.51 8.35 7.19
C HIS A 321 5.06 8.28 5.73
N SER A 322 4.49 7.14 5.31
CA SER A 322 4.11 7.00 3.91
C SER A 322 2.87 7.81 3.56
N LEU A 323 2.03 8.12 4.56
CA LEU A 323 0.88 8.98 4.31
C LEU A 323 1.32 10.40 3.95
N LEU A 324 2.36 10.90 4.62
CA LEU A 324 2.96 12.19 4.30
C LEU A 324 3.85 12.16 3.06
N GLY A 325 3.97 11.00 2.41
CA GLY A 325 4.79 10.87 1.22
C GLY A 325 6.27 10.72 1.48
N ASP A 326 6.68 10.43 2.70
CA ASP A 326 8.08 10.24 2.99
C ASP A 326 8.59 8.98 2.29
N PRO A 327 9.87 8.93 1.95
CA PRO A 327 10.40 7.77 1.22
C PRO A 327 10.24 6.47 2.01
N THR A 328 9.75 5.45 1.32
CA THR A 328 9.54 4.13 1.93
C THR A 328 10.87 3.41 2.08
N PRO A 329 11.15 2.82 3.24
CA PRO A 329 12.46 2.18 3.44
C PRO A 329 12.55 0.87 2.69
N ARG A 330 13.74 0.59 2.16
CA ARG A 330 13.93 -0.64 1.38
C ARG A 330 13.71 -1.88 2.25
N ILE A 331 13.23 -2.96 1.62
CA ILE A 331 12.99 -4.24 2.29
C ILE A 331 13.92 -5.28 1.69
N SER A 332 14.84 -5.78 2.51
CA SER A 332 15.80 -6.80 2.10
C SER A 332 15.37 -8.16 2.60
N GLY A 333 16.03 -9.20 2.08
CA GLY A 333 15.71 -10.55 2.49
C GLY A 333 14.37 -11.06 2.01
N LEU A 334 13.73 -10.35 1.10
CA LEU A 334 12.46 -10.80 0.56
C LEU A 334 12.66 -12.03 -0.32
N GLY A 335 11.64 -12.89 -0.34
CA GLY A 335 11.70 -14.08 -1.15
C GLY A 335 10.32 -14.69 -1.34
N THR A 336 10.27 -16.01 -1.52
CA THR A 336 9.00 -16.70 -1.67
C THR A 336 8.24 -16.73 -0.35
N ALA A 337 6.92 -16.78 -0.47
CA ALA A 337 6.09 -16.97 0.70
C ALA A 337 6.31 -18.37 1.28
N CYS A 338 5.98 -18.52 2.56
CA CYS A 338 6.07 -19.81 3.17
C CYS A 338 4.99 -20.73 2.59
N ASP A 339 5.12 -22.03 2.88
CA ASP A 339 4.32 -23.04 2.18
C ASP A 339 2.84 -22.91 2.51
N SER A 340 2.52 -22.67 3.79
CA SER A 340 1.13 -22.51 4.20
C SER A 340 0.54 -21.22 3.63
N ALA A 341 1.33 -20.14 3.63
CA ALA A 341 0.91 -18.89 3.00
C ALA A 341 0.56 -19.11 1.53
N LEU A 342 1.45 -19.80 0.79
CA LEU A 342 1.15 -20.12 -0.59
C LEU A 342 -0.09 -21.01 -0.69
N GLU A 343 -0.32 -21.85 0.32
CA GLU A 343 -1.50 -22.71 0.32
C GLU A 343 -2.78 -21.88 0.40
N SER A 344 -2.87 -20.97 1.38
CA SER A 344 -4.10 -20.20 1.52
C SER A 344 -4.23 -19.12 0.44
N ILE A 345 -3.11 -18.57 -0.04
CA ILE A 345 -3.20 -17.66 -1.17
C ILE A 345 -3.71 -18.38 -2.41
N GLN A 346 -3.27 -19.62 -2.60
CA GLN A 346 -3.75 -20.43 -3.72
C GLN A 346 -5.22 -20.78 -3.57
N ASN A 347 -5.64 -21.08 -2.34
CA ASN A 347 -7.03 -21.45 -2.09
C ASN A 347 -7.97 -20.26 -2.30
N VAL A 348 -7.64 -19.12 -1.68
CA VAL A 348 -8.53 -17.96 -1.79
C VAL A 348 -8.60 -17.48 -3.24
N ARG A 349 -7.46 -17.50 -3.94
CA ARG A 349 -7.47 -17.13 -5.36
C ARG A 349 -8.47 -17.99 -6.14
N ASN A 350 -8.54 -19.28 -5.80
CA ASN A 350 -9.41 -20.19 -6.56
C ASN A 350 -10.88 -19.90 -6.30
N VAL A 351 -11.28 -19.82 -5.02
CA VAL A 351 -12.68 -19.56 -4.72
C VAL A 351 -13.14 -18.26 -5.36
N GLN A 352 -12.30 -17.22 -5.30
CA GLN A 352 -12.66 -15.91 -5.86
C GLN A 352 -12.54 -15.85 -7.38
N SER A 353 -11.94 -16.85 -8.02
CA SER A 353 -11.70 -16.78 -9.47
C SER A 353 -13.01 -16.72 -10.25
N SER A 354 -14.10 -17.23 -9.67
CA SER A 354 -15.42 -17.12 -10.28
C SER A 354 -16.00 -15.72 -10.21
N TYR A 355 -15.33 -14.78 -9.53
CA TYR A 355 -15.80 -13.40 -9.42
C TYR A 355 -14.81 -12.38 -9.95
N TRP A 356 -13.50 -12.68 -9.90
CA TRP A 356 -12.45 -11.85 -10.50
C TRP A 356 -11.62 -12.78 -11.36
N SER A 357 -11.93 -12.84 -12.65
CA SER A 357 -11.32 -13.84 -13.52
C SER A 357 -9.83 -13.62 -13.76
N SER A 358 -9.23 -12.55 -13.22
CA SER A 358 -7.77 -12.43 -13.21
C SER A 358 -7.09 -13.49 -12.36
N PHE A 359 -7.87 -14.38 -11.75
CA PHE A 359 -7.35 -15.43 -10.88
C PHE A 359 -7.52 -16.83 -11.48
N LYS A 360 -8.03 -16.93 -12.71
CA LYS A 360 -8.19 -18.23 -13.35
C LYS A 360 -6.84 -18.81 -13.76
N HIS A 361 -6.82 -20.13 -13.92
CA HIS A 361 -5.62 -20.84 -14.38
C HIS A 361 -6.03 -21.97 -15.31
N LEU A 362 -5.10 -22.36 -16.19
CA LEU A 362 -5.34 -23.45 -17.12
C LEU A 362 -5.35 -24.78 -16.36
N ALA A 363 -6.21 -25.69 -16.80
CA ALA A 363 -6.44 -26.92 -16.06
C ALA A 363 -5.25 -27.86 -16.17
N GLN A 364 -4.88 -28.47 -15.03
CA GLN A 364 -3.78 -29.44 -14.96
C GLN A 364 -4.22 -30.69 -14.17
N SER A 412 14.25 20.22 1.40
CA SER A 412 12.96 19.57 1.23
C SER A 412 12.53 19.52 -0.23
N VAL A 413 13.51 19.51 -1.13
CA VAL A 413 13.25 19.37 -2.56
C VAL A 413 13.23 17.89 -2.89
N ARG A 414 12.15 17.45 -3.57
CA ARG A 414 11.89 16.05 -3.80
C ARG A 414 12.23 15.59 -5.21
N THR A 415 11.86 16.36 -6.23
CA THR A 415 12.06 15.99 -7.62
C THR A 415 12.83 17.09 -8.34
N VAL A 416 13.61 16.68 -9.33
CA VAL A 416 14.35 17.62 -10.18
C VAL A 416 14.01 17.31 -11.63
N VAL A 417 13.57 18.33 -12.37
CA VAL A 417 13.23 18.16 -13.78
C VAL A 417 14.23 18.94 -14.61
N VAL A 418 14.60 18.37 -15.76
CA VAL A 418 15.45 19.03 -16.74
C VAL A 418 14.72 18.93 -18.07
N PRO A 419 13.93 19.92 -18.46
CA PRO A 419 13.30 19.90 -19.78
C PRO A 419 14.30 20.40 -20.81
N PRO A 420 13.96 20.35 -22.11
CA PRO A 420 14.86 20.91 -23.10
C PRO A 420 15.13 22.37 -22.81
N PRO A 421 16.28 22.89 -23.25
CA PRO A 421 16.58 24.30 -23.01
C PRO A 421 15.54 25.21 -23.64
N GLY A 422 15.34 26.37 -23.00
CA GLY A 422 14.31 27.30 -23.42
C GLY A 422 12.90 26.91 -23.04
N VAL A 423 12.69 25.69 -22.54
CA VAL A 423 11.36 25.24 -22.13
C VAL A 423 11.18 25.53 -20.65
N GLU A 424 10.18 26.35 -20.33
CA GLU A 424 9.78 26.65 -18.96
C GLU A 424 8.43 26.00 -18.69
N LEU A 425 8.23 25.55 -17.46
CA LEU A 425 7.01 24.84 -17.11
C LEU A 425 6.61 25.16 -15.67
N THR A 426 5.32 25.02 -15.40
CA THR A 426 4.74 25.23 -14.08
C THR A 426 4.80 23.93 -13.30
N LEU A 427 5.40 23.97 -12.12
CA LEU A 427 5.70 22.77 -11.36
C LEU A 427 5.20 22.88 -9.93
N PRO A 428 4.92 21.74 -9.27
CA PRO A 428 4.50 21.78 -7.86
C PRO A 428 5.57 22.33 -6.93
N LYS A 429 5.26 22.38 -5.64
CA LYS A 429 6.09 23.06 -4.65
C LYS A 429 7.31 22.25 -4.22
N ASN A 430 7.61 21.13 -4.88
CA ASN A 430 8.78 20.31 -4.53
C ASN A 430 9.47 19.85 -5.81
N CYS A 431 9.87 20.81 -6.64
CA CYS A 431 10.57 20.52 -7.89
C CYS A 431 11.60 21.61 -8.15
N GLN A 432 12.43 21.39 -9.16
CA GLN A 432 13.55 22.29 -9.44
C GLN A 432 14.08 22.00 -10.85
N HIS A 433 15.03 22.82 -11.28
CA HIS A 433 15.66 22.63 -12.59
C HIS A 433 17.16 22.36 -12.44
N SER A 434 17.91 22.50 -13.53
CA SER A 434 19.37 22.32 -13.50
C SER A 434 20.06 23.27 -12.51
N ILE A 437 24.41 22.00 -13.86
CA ILE A 437 25.74 21.56 -14.25
C ILE A 437 26.79 22.42 -13.54
N SER A 438 27.93 21.80 -13.22
CA SER A 438 29.06 22.52 -12.62
C SER A 438 30.35 22.01 -13.24
N GLU A 439 31.47 22.62 -12.83
CA GLU A 439 32.75 22.37 -13.48
C GLU A 439 33.22 20.95 -13.28
N SER A 440 33.17 20.45 -12.04
CA SER A 440 33.56 19.08 -11.74
C SER A 440 32.67 18.05 -12.39
N THR A 441 31.44 18.41 -12.78
CA THR A 441 30.59 17.47 -13.49
C THR A 441 31.04 17.32 -14.95
N ALA A 442 31.22 18.45 -15.64
CA ALA A 442 31.60 18.42 -17.04
C ALA A 442 32.98 17.82 -17.25
N LYS A 443 33.85 17.91 -16.24
CA LYS A 443 35.17 17.27 -16.34
C LYS A 443 35.06 15.77 -16.62
N GLU A 444 34.10 15.09 -15.97
CA GLU A 444 33.88 13.67 -16.21
C GLU A 444 33.08 13.49 -17.49
N VAL A 445 32.18 14.42 -17.81
CA VAL A 445 31.36 14.29 -19.01
C VAL A 445 32.23 14.27 -20.27
N GLN A 446 33.25 15.11 -20.31
CA GLN A 446 34.17 15.06 -21.45
C GLN A 446 35.08 13.85 -21.35
N ARG A 447 35.50 13.48 -20.14
CA ARG A 447 36.26 12.26 -19.93
C ARG A 447 35.52 11.05 -20.49
N ILE A 448 34.24 10.94 -20.16
CA ILE A 448 33.40 9.88 -20.72
C ILE A 448 33.35 9.97 -22.23
N ARG A 449 33.39 11.18 -22.77
CA ARG A 449 33.32 11.36 -24.22
C ARG A 449 34.56 10.79 -24.91
N ASP A 450 35.73 11.25 -24.48
CA ASP A 450 36.97 10.83 -25.14
C ASP A 450 37.25 9.35 -25.00
N LYS A 451 36.63 8.67 -24.03
CA LYS A 451 36.85 7.24 -23.86
C LYS A 451 35.87 6.41 -24.68
N HIS A 452 34.56 6.64 -24.52
CA HIS A 452 33.55 5.76 -25.10
C HIS A 452 32.79 6.36 -26.27
N PHE A 453 32.89 7.68 -26.51
CA PHE A 453 32.14 8.36 -27.58
C PHE A 453 33.07 9.34 -28.31
N HIS A 454 33.98 8.79 -29.10
CA HIS A 454 34.99 9.62 -29.76
C HIS A 454 34.39 10.50 -30.84
N ASP A 455 33.27 10.08 -31.42
CA ASP A 455 32.65 10.75 -32.56
C ASP A 455 31.24 11.21 -32.16
N LEU A 456 31.17 12.13 -31.19
CA LEU A 456 29.89 12.70 -30.77
C LEU A 456 30.14 14.14 -30.29
N THR A 457 29.80 15.12 -31.16
CA THR A 457 29.92 16.55 -30.87
C THR A 457 28.55 17.20 -31.12
N ASP A 458 27.61 16.97 -30.22
CA ASP A 458 26.28 17.56 -30.25
C ASP A 458 26.05 18.20 -28.89
N GLN A 459 26.26 19.52 -28.80
CA GLN A 459 26.19 20.21 -27.52
C GLN A 459 24.87 19.99 -26.78
N ASN A 460 23.80 19.63 -27.51
CA ASN A 460 22.54 19.28 -26.87
C ASN A 460 22.68 18.04 -25.99
N ILE A 461 23.44 17.05 -26.46
CA ILE A 461 23.52 15.77 -25.77
C ILE A 461 24.51 15.80 -24.60
N LEU A 462 25.56 16.61 -24.67
CA LEU A 462 26.46 16.69 -23.52
C LEU A 462 25.89 17.55 -22.41
N ARG A 463 24.82 18.31 -22.70
CA ARG A 463 23.97 18.83 -21.64
C ARG A 463 23.02 17.75 -21.13
N SER A 464 22.59 16.84 -22.01
CA SER A 464 21.84 15.67 -21.57
C SER A 464 22.64 14.90 -20.52
N LEU A 465 23.91 14.63 -20.82
CA LEU A 465 24.72 13.79 -19.94
C LEU A 465 25.19 14.55 -18.71
N GLY A 466 25.50 15.84 -18.85
CA GLY A 466 25.97 16.60 -17.70
C GLY A 466 24.91 16.74 -16.63
N ASN A 467 23.66 16.91 -17.05
CA ASN A 467 22.57 16.98 -16.08
C ASN A 467 22.35 15.61 -15.43
N ILE A 468 22.29 14.55 -16.25
CA ILE A 468 22.09 13.18 -15.76
C ILE A 468 23.08 12.84 -14.67
N ILE A 469 24.31 13.33 -14.78
CA ILE A 469 25.35 12.95 -13.83
C ILE A 469 25.10 13.64 -12.49
N SER A 470 24.81 14.94 -12.53
CA SER A 470 24.70 15.66 -11.27
C SER A 470 23.35 15.49 -10.59
N VAL A 471 22.32 15.07 -11.32
CA VAL A 471 21.09 14.68 -10.64
C VAL A 471 21.31 13.36 -9.91
N LEU A 472 22.05 12.43 -10.51
CA LEU A 472 22.45 11.23 -9.79
C LEU A 472 23.39 11.56 -8.64
N ASP A 473 24.30 12.51 -8.85
CA ASP A 473 25.12 12.99 -7.74
C ASP A 473 24.27 13.65 -6.67
N ARG A 474 23.16 14.28 -7.05
CA ARG A 474 22.28 14.91 -6.07
C ARG A 474 21.43 13.89 -5.33
N MET A 475 21.06 12.78 -5.99
CA MET A 475 20.17 11.78 -5.41
C MET A 475 20.92 10.88 -4.42
N MET A 476 21.97 10.21 -4.90
CA MET A 476 22.66 9.22 -4.08
C MET A 476 23.71 9.87 -3.17
N ARG A 477 24.55 10.73 -3.73
CA ARG A 477 25.68 11.29 -2.99
C ARG A 477 25.24 12.37 -2.00
N SER A 478 24.72 13.50 -2.52
CA SER A 478 24.36 14.63 -1.67
C SER A 478 23.17 14.33 -0.77
N ASP A 479 22.35 13.33 -1.10
CA ASP A 479 21.16 12.96 -0.33
C ASP A 479 20.16 14.11 -0.18
N GLU A 480 20.29 15.15 -1.02
CA GLU A 480 19.40 16.31 -0.93
C GLU A 480 18.06 16.03 -1.61
N VAL A 481 18.08 15.84 -2.93
CA VAL A 481 16.88 15.58 -3.70
C VAL A 481 16.60 14.09 -3.72
N CYS A 482 15.38 13.73 -4.11
CA CYS A 482 14.92 12.34 -4.03
C CYS A 482 14.80 11.71 -5.42
N ASN A 483 13.91 12.20 -6.27
CA ASN A 483 13.70 11.66 -7.60
C ASN A 483 14.20 12.63 -8.65
N GLY A 484 13.99 12.26 -9.92
CA GLY A 484 14.40 13.08 -11.03
C GLY A 484 13.86 12.63 -12.37
N CYS A 485 13.70 13.57 -13.29
CA CYS A 485 13.31 13.23 -14.66
C CYS A 485 14.01 14.21 -15.59
N VAL A 486 14.74 13.68 -16.57
CA VAL A 486 15.40 14.48 -17.59
C VAL A 486 14.89 14.04 -18.95
N VAL A 487 14.77 15.00 -19.87
CA VAL A 487 14.39 14.72 -21.24
C VAL A 487 15.68 14.66 -22.05
N VAL A 488 15.96 13.49 -22.59
CA VAL A 488 17.21 13.24 -23.30
C VAL A 488 16.93 13.27 -24.79
N SER A 489 17.97 13.57 -25.59
CA SER A 489 17.86 13.58 -27.05
C SER A 489 17.88 12.18 -27.64
N ASP A 490 18.99 11.44 -27.46
CA ASP A 490 19.06 10.06 -27.90
C ASP A 490 19.46 9.20 -26.71
N LEU A 491 19.05 7.93 -26.79
CA LEU A 491 19.10 7.00 -25.67
C LEU A 491 20.42 6.24 -25.59
N SER A 492 20.95 5.75 -26.71
CA SER A 492 22.09 4.85 -26.66
C SER A 492 23.24 5.44 -25.85
N VAL A 493 23.37 6.76 -25.83
CA VAL A 493 24.41 7.44 -25.08
C VAL A 493 23.92 7.88 -23.70
N SER A 494 22.67 8.31 -23.62
CA SER A 494 22.12 8.77 -22.34
C SER A 494 21.89 7.61 -21.38
N VAL A 495 21.31 6.51 -21.87
CA VAL A 495 21.08 5.34 -21.04
C VAL A 495 22.40 4.75 -20.56
N GLN A 496 23.32 4.51 -21.50
CA GLN A 496 24.62 3.95 -21.14
C GLN A 496 25.33 4.83 -20.11
N CYS A 497 25.30 6.15 -20.31
CA CYS A 497 25.99 7.04 -19.39
C CYS A 497 25.33 7.05 -18.02
N ALA A 498 24.00 7.03 -17.97
CA ALA A 498 23.30 7.10 -16.69
C ALA A 498 23.53 5.85 -15.86
N LEU A 499 23.46 4.68 -16.49
CA LEU A 499 23.56 3.41 -15.76
C LEU A 499 24.97 3.21 -15.23
N GLN A 500 25.98 3.43 -16.07
CA GLN A 500 27.36 3.17 -15.65
C GLN A 500 27.80 4.14 -14.56
N HIS A 501 27.42 5.41 -14.68
CA HIS A 501 27.73 6.35 -13.62
C HIS A 501 26.96 6.02 -12.34
N ALA A 502 25.82 5.33 -12.47
CA ALA A 502 25.00 5.02 -11.31
C ALA A 502 25.65 3.96 -10.42
N LEU A 503 26.17 2.89 -11.03
CA LEU A 503 26.76 1.80 -10.25
C LEU A 503 27.95 2.28 -9.42
N THR A 504 28.63 3.34 -9.87
CA THR A 504 29.80 3.87 -9.18
C THR A 504 29.46 4.97 -8.18
N GLU A 505 28.17 5.17 -7.87
CA GLU A 505 27.74 6.21 -6.95
C GLU A 505 28.13 5.95 -5.49
N PRO A 506 28.03 4.71 -4.95
CA PRO A 506 27.67 3.40 -5.52
C PRO A 506 26.18 3.11 -5.59
N ALA A 507 25.80 2.25 -6.54
CA ALA A 507 24.46 1.66 -6.60
C ALA A 507 24.68 0.15 -6.64
N GLU A 508 24.45 -0.51 -5.50
CA GLU A 508 24.66 -1.96 -5.41
C GLU A 508 23.85 -2.69 -6.47
N ARG A 509 22.58 -2.31 -6.65
CA ARG A 509 21.69 -2.96 -7.60
C ARG A 509 20.81 -1.90 -8.25
N VAL A 510 20.58 -2.04 -9.56
CA VAL A 510 19.83 -1.07 -10.34
C VAL A 510 18.71 -1.80 -11.07
N LEU A 511 17.48 -1.43 -10.78
CA LEU A 511 16.34 -1.90 -11.54
C LEU A 511 16.12 -0.96 -12.72
N VAL A 512 15.97 -1.52 -13.91
CA VAL A 512 15.79 -0.73 -15.13
C VAL A 512 14.44 -1.09 -15.74
N VAL A 513 13.55 -0.11 -15.80
CA VAL A 513 12.25 -0.27 -16.44
C VAL A 513 12.25 0.60 -17.70
N TYR A 514 12.00 -0.02 -18.84
CA TYR A 514 12.07 0.68 -20.12
C TYR A 514 10.92 0.25 -21.00
N VAL A 515 10.19 1.23 -21.53
CA VAL A 515 9.13 0.96 -22.49
C VAL A 515 9.63 1.33 -23.88
N GLY A 516 9.30 0.51 -24.86
CA GLY A 516 9.81 0.68 -26.20
C GLY A 516 10.41 -0.59 -26.75
N ASP A 517 10.61 -0.64 -28.06
CA ASP A 517 11.11 -1.83 -28.74
C ASP A 517 12.61 -1.74 -28.96
N GLY A 518 13.21 -2.88 -29.26
CA GLY A 518 14.63 -2.96 -29.50
C GLY A 518 15.44 -3.07 -28.22
N GLU A 519 16.64 -3.64 -28.36
CA GLU A 519 17.53 -3.82 -27.24
C GLU A 519 18.17 -2.49 -26.85
N LEU A 520 18.79 -2.48 -25.68
CA LEU A 520 19.41 -1.29 -25.11
C LEU A 520 20.86 -1.60 -24.75
N PRO A 521 21.69 -0.57 -24.57
CA PRO A 521 23.05 -0.79 -24.04
C PRO A 521 23.07 -1.00 -22.53
N VAL A 522 22.63 -2.18 -22.10
CA VAL A 522 22.61 -2.55 -20.69
C VAL A 522 23.02 -4.01 -20.59
N LYS A 523 24.15 -4.27 -19.92
CA LYS A 523 24.64 -5.64 -19.71
C LYS A 523 23.99 -6.20 -18.46
N THR A 524 23.16 -7.23 -18.62
CA THR A 524 22.32 -7.77 -17.56
C THR A 524 22.84 -9.09 -17.00
N ASN A 525 24.14 -9.35 -17.14
CA ASN A 525 24.69 -10.66 -16.79
C ASN A 525 25.28 -10.73 -15.38
N ASP A 526 25.88 -9.65 -14.87
CA ASP A 526 26.63 -9.71 -13.62
C ASP A 526 25.75 -9.72 -12.37
N GLY A 527 24.42 -9.68 -12.52
CA GLY A 527 23.53 -9.79 -11.38
C GLY A 527 23.32 -8.52 -10.59
N LYS A 528 23.99 -7.42 -10.95
CA LYS A 528 23.79 -6.15 -10.29
C LYS A 528 22.78 -5.27 -11.03
N VAL A 529 22.11 -5.80 -12.05
CA VAL A 529 21.09 -5.04 -12.77
C VAL A 529 20.04 -6.00 -13.32
N PHE A 530 18.77 -5.65 -13.12
CA PHE A 530 17.62 -6.37 -13.66
C PHE A 530 16.85 -5.46 -14.62
N LEU A 531 16.30 -6.03 -15.67
CA LEU A 531 15.68 -5.27 -16.76
C LEU A 531 14.22 -5.68 -16.95
N VAL A 532 13.33 -4.69 -16.92
CA VAL A 532 11.93 -4.84 -17.27
C VAL A 532 11.69 -4.05 -18.56
N GLN A 533 11.12 -4.70 -19.57
CA GLN A 533 10.91 -4.07 -20.86
C GLN A 533 9.48 -4.34 -21.31
N ILE A 534 8.77 -3.28 -21.70
CA ILE A 534 7.41 -3.38 -22.21
C ILE A 534 7.45 -2.91 -23.67
N CYS A 535 7.19 -3.83 -24.60
CA CYS A 535 7.38 -3.54 -26.01
C CYS A 535 6.36 -4.24 -26.89
N THR A 536 6.78 -4.66 -28.08
CA THR A 536 5.92 -5.36 -29.03
C THR A 536 6.65 -6.52 -29.68
N THR A 539 8.86 -10.05 -28.83
CA THR A 539 10.21 -10.52 -28.52
C THR A 539 10.22 -11.71 -27.56
N GLU A 540 11.15 -12.63 -27.76
CA GLU A 540 11.33 -13.75 -26.84
C GLU A 540 12.26 -13.35 -25.69
N ASP A 541 12.41 -14.27 -24.73
CA ASP A 541 13.21 -14.03 -23.54
C ASP A 541 14.06 -15.25 -23.23
N LYS A 542 15.28 -15.01 -22.73
CA LYS A 542 16.28 -16.05 -22.52
C LYS A 542 16.78 -16.07 -21.08
N CYS A 543 17.54 -15.06 -20.64
CA CYS A 543 18.13 -15.06 -19.31
C CYS A 543 17.09 -14.73 -18.22
N VAL A 544 17.48 -15.01 -16.98
CA VAL A 544 16.57 -14.84 -15.85
C VAL A 544 16.49 -13.37 -15.41
N ASN A 545 17.58 -12.61 -15.56
CA ASN A 545 17.59 -11.24 -15.05
C ASN A 545 16.96 -10.24 -16.01
N ARG A 546 16.01 -10.70 -16.83
CA ARG A 546 15.25 -9.83 -17.72
C ARG A 546 13.78 -10.24 -17.66
N LEU A 547 12.94 -9.40 -18.25
CA LEU A 547 11.50 -9.64 -18.30
C LEU A 547 10.86 -8.73 -19.35
N THR A 548 10.58 -9.27 -20.53
CA THR A 548 10.08 -8.49 -21.66
C THR A 548 8.62 -8.81 -21.92
N LEU A 549 7.82 -7.76 -22.11
CA LEU A 549 6.39 -7.90 -22.26
C LEU A 549 5.90 -7.18 -23.52
N CYS A 550 5.04 -7.86 -24.28
CA CYS A 550 4.45 -7.32 -25.51
C CYS A 550 2.96 -7.63 -25.52
N LEU A 551 2.13 -6.59 -25.64
CA LEU A 551 0.69 -6.73 -25.49
C LEU A 551 -0.10 -6.18 -26.68
N ARG A 552 0.56 -5.96 -27.82
CA ARG A 552 -0.07 -5.45 -29.03
C ARG A 552 -0.78 -4.11 -28.77
N GLY A 554 -3.71 -2.64 -28.61
CA GLY A 554 -4.93 -3.19 -28.04
C GLY A 554 -5.66 -2.21 -27.12
N GLU A 555 -6.97 -2.42 -26.98
CA GLU A 555 -7.78 -1.57 -26.12
C GLU A 555 -7.62 -1.93 -24.65
N SER A 556 -7.32 -3.19 -24.35
CA SER A 556 -7.08 -3.64 -22.99
C SER A 556 -5.61 -3.55 -22.60
N LEU A 557 -4.82 -2.74 -23.31
CA LEU A 557 -3.40 -2.62 -22.99
C LEU A 557 -3.19 -2.05 -21.59
N THR A 558 -4.06 -1.12 -21.18
CA THR A 558 -3.98 -0.59 -19.83
C THR A 558 -4.48 -1.60 -18.80
N ALA A 559 -5.35 -2.52 -19.18
CA ALA A 559 -5.83 -3.53 -18.24
C ALA A 559 -4.81 -4.65 -18.06
N GLY A 560 -4.11 -5.02 -19.13
CA GLY A 560 -3.05 -6.01 -19.00
C GLY A 560 -1.80 -5.47 -18.32
N PHE A 561 -1.47 -4.20 -18.56
CA PHE A 561 -0.29 -3.61 -17.93
C PHE A 561 -0.42 -3.57 -16.42
N MET A 562 -1.64 -3.46 -15.89
CA MET A 562 -1.83 -3.47 -14.45
C MET A 562 -1.75 -4.89 -13.89
N GLN A 563 -2.46 -5.85 -14.51
CA GLN A 563 -2.39 -7.25 -14.08
C GLN A 563 -1.00 -7.82 -14.20
N ALA A 564 -0.13 -7.20 -15.01
CA ALA A 564 1.27 -7.57 -15.09
C ALA A 564 2.17 -6.73 -14.19
N LEU A 565 1.75 -5.52 -13.82
CA LEU A 565 2.55 -4.71 -12.92
C LEU A 565 2.45 -5.21 -11.48
N LEU A 566 1.24 -5.59 -11.04
CA LEU A 566 1.07 -6.14 -9.71
C LEU A 566 1.42 -7.62 -9.67
N GLY A 567 1.11 -8.35 -10.74
CA GLY A 567 1.37 -9.78 -10.75
C GLY A 567 2.82 -10.13 -10.95
N LEU A 568 3.56 -9.33 -11.74
CA LEU A 568 4.91 -9.70 -12.16
C LEU A 568 5.95 -8.64 -11.80
N ILE A 569 5.78 -7.40 -12.25
CA ILE A 569 6.84 -6.40 -12.16
C ILE A 569 7.14 -6.06 -10.70
N LEU A 570 6.10 -5.79 -9.91
CA LEU A 570 6.32 -5.45 -8.51
C LEU A 570 6.93 -6.59 -7.70
N PRO A 571 6.44 -7.85 -7.80
CA PRO A 571 7.05 -8.91 -6.97
C PRO A 571 8.52 -9.17 -7.29
N VAL A 572 8.94 -9.06 -8.55
CA VAL A 572 10.36 -9.19 -8.87
C VAL A 572 11.15 -8.07 -8.21
N ALA A 573 10.74 -6.82 -8.46
CA ALA A 573 11.51 -5.66 -8.02
C ALA A 573 11.66 -5.63 -6.51
N TYR A 574 10.60 -5.99 -5.77
CA TYR A 574 10.67 -5.94 -4.32
C TYR A 574 11.68 -6.95 -3.79
N GLU A 575 11.71 -8.16 -4.36
CA GLU A 575 12.72 -9.14 -3.96
C GLU A 575 14.11 -8.68 -4.38
N PHE A 576 14.21 -8.04 -5.54
CA PHE A 576 15.50 -7.60 -6.06
C PHE A 576 16.14 -6.55 -5.14
N ASN A 577 15.32 -5.69 -4.52
CA ASN A 577 15.75 -4.65 -3.61
C ASN A 577 16.84 -3.80 -4.24
N PRO A 578 16.51 -2.88 -5.15
CA PRO A 578 17.52 -2.04 -5.80
C PRO A 578 17.87 -0.82 -4.95
N ALA A 579 19.00 -0.21 -5.31
CA ALA A 579 19.38 1.08 -4.74
C ALA A 579 18.93 2.24 -5.61
N LEU A 580 18.54 1.98 -6.85
CA LEU A 580 18.15 2.99 -7.80
C LEU A 580 17.29 2.35 -8.88
N VAL A 581 16.23 3.04 -9.27
CA VAL A 581 15.38 2.64 -10.39
C VAL A 581 15.63 3.61 -11.54
N LEU A 582 15.84 3.06 -12.74
CA LEU A 582 16.06 3.86 -13.94
C LEU A 582 14.91 3.61 -14.89
N GLY A 583 14.09 4.64 -15.11
CA GLY A 583 12.98 4.57 -16.05
C GLY A 583 13.37 5.18 -17.39
N ILE A 584 12.94 4.53 -18.47
CA ILE A 584 13.24 4.96 -19.83
C ILE A 584 11.99 4.79 -20.69
N VAL A 585 11.63 5.85 -21.43
CA VAL A 585 10.45 5.83 -22.30
C VAL A 585 10.85 6.44 -23.64
N GLU A 586 10.80 5.64 -24.70
CA GLU A 586 11.15 6.17 -26.01
C GLU A 586 9.95 6.87 -26.64
N GLU A 587 10.22 7.64 -27.71
CA GLU A 587 9.22 8.52 -28.30
C GLU A 587 8.03 7.78 -28.90
N THR A 588 8.21 6.51 -29.27
CA THR A 588 7.12 5.72 -29.86
C THR A 588 5.93 5.58 -28.91
N ARG A 593 1.33 8.75 -26.30
CA ARG A 593 0.94 7.37 -26.55
C ARG A 593 -0.15 6.91 -25.57
N LEU A 594 0.09 5.77 -24.90
CA LEU A 594 -0.82 5.23 -23.90
C LEU A 594 -0.23 5.42 -22.51
N MET A 595 -0.76 6.39 -21.77
CA MET A 595 -0.20 6.84 -20.51
C MET A 595 -1.18 6.76 -19.35
N ARG A 596 -2.29 6.04 -19.52
CA ARG A 596 -3.22 5.85 -18.39
C ARG A 596 -2.57 5.11 -17.23
N VAL A 597 -1.46 4.42 -17.48
CA VAL A 597 -0.83 3.57 -16.48
C VAL A 597 0.49 4.12 -15.97
N TRP A 598 1.18 4.97 -16.73
CA TRP A 598 2.51 5.41 -16.33
C TRP A 598 2.49 6.10 -14.97
N GLY A 599 1.43 6.87 -14.70
CA GLY A 599 1.33 7.49 -13.39
C GLY A 599 1.27 6.48 -12.26
N HIS A 600 0.46 5.43 -12.43
CA HIS A 600 0.39 4.36 -11.44
C HIS A 600 1.72 3.61 -11.35
N MET A 601 2.29 3.27 -12.51
CA MET A 601 3.60 2.62 -12.54
C MET A 601 4.65 3.46 -11.82
N THR A 602 4.81 4.71 -12.25
CA THR A 602 5.82 5.58 -11.66
C THR A 602 5.60 5.82 -10.17
N CYS A 603 4.38 5.59 -9.67
CA CYS A 603 4.09 5.77 -8.25
C CYS A 603 4.36 4.51 -7.43
N LEU A 604 3.92 3.35 -7.93
CA LEU A 604 4.05 2.11 -7.16
C LEU A 604 5.49 1.64 -7.08
N ILE A 605 6.32 1.98 -8.08
CA ILE A 605 7.71 1.55 -8.07
C ILE A 605 8.54 2.29 -7.03
N GLN A 606 8.04 3.42 -6.53
CA GLN A 606 8.83 4.18 -5.57
C GLN A 606 8.87 3.53 -4.20
N GLY A 607 8.21 2.39 -4.02
CA GLY A 607 8.45 1.58 -2.85
C GLY A 607 9.85 1.01 -2.78
N LEU A 608 10.59 1.06 -3.89
CA LEU A 608 11.93 0.52 -3.97
C LEU A 608 12.96 1.63 -4.07
N ALA A 609 14.20 1.28 -3.75
CA ALA A 609 15.33 2.20 -3.85
C ALA A 609 15.13 3.40 -2.93
N ARG A 610 14.32 3.22 -1.89
CA ARG A 610 13.91 4.28 -0.99
C ARG A 610 13.40 5.48 -1.78
N GLY A 611 12.71 5.22 -2.88
CA GLY A 611 12.07 6.23 -3.67
C GLY A 611 12.90 6.77 -4.82
N ARG A 612 14.23 6.71 -4.70
CA ARG A 612 15.12 7.32 -5.69
C ARG A 612 14.98 6.71 -7.08
N MET A 613 14.24 7.39 -7.95
CA MET A 613 14.06 6.97 -9.33
C MET A 613 14.49 8.09 -10.27
N LEU A 614 15.17 7.73 -11.36
CA LEU A 614 15.50 8.67 -12.42
C LEU A 614 14.83 8.20 -13.70
N THR A 615 14.19 9.12 -14.42
CA THR A 615 13.47 8.79 -15.64
C THR A 615 14.11 9.48 -16.84
N LEU A 616 14.37 8.71 -17.89
CA LEU A 616 14.87 9.24 -19.15
C LEU A 616 13.73 9.25 -20.16
N LEU A 617 13.23 10.45 -20.46
CA LEU A 617 12.16 10.63 -21.43
C LEU A 617 12.76 11.12 -22.74
N GLN A 618 12.63 10.31 -23.79
CA GLN A 618 13.10 10.69 -25.11
C GLN A 618 11.97 11.38 -25.87
N GLY A 619 12.27 12.56 -26.40
CA GLY A 619 11.28 13.35 -27.11
C GLY A 619 10.34 14.06 -26.15
N TYR A 620 10.37 15.39 -26.17
CA TYR A 620 9.56 16.18 -25.25
C TYR A 620 8.08 15.95 -25.50
N ASP A 621 7.35 15.58 -24.44
CA ASP A 621 5.91 15.41 -24.49
C ASP A 621 5.33 16.19 -23.31
N LYS A 622 4.57 17.25 -23.60
CA LYS A 622 4.09 18.16 -22.56
C LYS A 622 3.26 17.42 -21.52
N ASP A 623 2.28 16.63 -21.98
CA ASP A 623 1.39 15.91 -21.08
C ASP A 623 2.03 14.69 -20.45
N LEU A 624 3.08 14.13 -21.06
CA LEU A 624 3.77 13.00 -20.44
C LEU A 624 4.68 13.47 -19.32
N LEU A 625 5.62 14.37 -19.64
CA LEU A 625 6.53 14.87 -18.61
C LEU A 625 5.77 15.51 -17.45
N GLU A 626 4.58 16.07 -17.71
CA GLU A 626 3.77 16.57 -16.61
C GLU A 626 3.23 15.42 -15.76
N LEU A 627 2.92 14.29 -16.40
CA LEU A 627 2.39 13.13 -15.68
C LEU A 627 3.46 12.46 -14.83
N THR A 628 4.67 12.27 -15.39
CA THR A 628 5.70 11.53 -14.66
C THR A 628 6.13 12.29 -13.41
N VAL A 629 6.46 13.58 -13.53
CA VAL A 629 7.08 14.27 -12.41
C VAL A 629 6.09 14.59 -11.30
N SER A 630 4.78 14.63 -11.61
CA SER A 630 3.80 14.79 -10.54
C SER A 630 3.62 13.49 -9.77
N ALA A 631 3.78 12.34 -10.44
CA ALA A 631 3.85 11.07 -9.73
C ALA A 631 5.10 11.01 -8.86
N LEU A 632 6.21 11.57 -9.35
CA LEU A 632 7.42 11.62 -8.55
C LEU A 632 7.31 12.60 -7.39
N SER A 633 6.60 13.72 -7.57
CA SER A 633 6.49 14.65 -6.45
C SER A 633 5.54 14.16 -5.37
N GLY A 634 4.75 13.11 -5.66
CA GLY A 634 3.89 12.52 -4.67
C GLY A 634 2.44 12.95 -4.71
N ALA A 635 2.02 13.58 -5.79
CA ALA A 635 0.65 14.06 -5.88
C ALA A 635 -0.32 12.89 -5.94
N SER A 636 -1.60 13.20 -5.82
CA SER A 636 -2.62 12.18 -5.98
C SER A 636 -2.62 11.64 -7.41
N ILE A 637 -2.90 10.35 -7.52
CA ILE A 637 -2.84 9.64 -8.81
C ILE A 637 -4.26 9.42 -9.31
N SER A 638 -4.49 9.80 -10.57
CA SER A 638 -5.83 9.70 -11.16
C SER A 638 -6.22 8.24 -11.33
N PRO A 639 -7.41 7.83 -10.86
CA PRO A 639 -7.86 6.44 -11.06
C PRO A 639 -8.00 6.11 -12.55
N LEU A 640 -8.10 4.81 -12.83
CA LEU A 640 -8.26 4.32 -14.19
C LEU A 640 -9.70 4.01 -14.54
N GLY A 641 -10.64 4.23 -13.61
CA GLY A 641 -11.94 3.65 -13.73
C GLY A 641 -11.81 2.18 -13.42
N PRO A 642 -12.92 1.44 -13.47
CA PRO A 642 -12.82 0.00 -13.27
C PRO A 642 -11.99 -0.64 -14.38
N LEU A 643 -11.10 -1.55 -13.98
CA LEU A 643 -10.20 -2.21 -14.92
C LEU A 643 -10.90 -3.41 -15.56
N ARG A 644 -11.04 -3.37 -16.88
CA ARG A 644 -11.67 -4.45 -17.62
C ARG A 644 -10.76 -5.68 -17.64
N ALA A 645 -11.25 -6.76 -18.25
CA ALA A 645 -10.48 -8.00 -18.28
C ALA A 645 -9.47 -7.98 -19.44
N PRO A 646 -8.26 -8.47 -19.22
CA PRO A 646 -7.26 -8.53 -20.30
C PRO A 646 -7.52 -9.70 -21.25
N LYS A 647 -6.81 -9.65 -22.38
CA LYS A 647 -7.03 -10.65 -23.42
C LYS A 647 -6.40 -11.99 -23.01
N PRO A 648 -6.97 -13.11 -23.48
CA PRO A 648 -6.34 -14.41 -23.18
C PRO A 648 -4.96 -14.55 -23.77
N GLU A 649 -4.69 -13.94 -24.92
CA GLU A 649 -3.35 -13.99 -25.48
C GLU A 649 -2.34 -13.32 -24.54
N ASP A 650 -2.79 -12.34 -23.75
CA ASP A 650 -1.90 -11.60 -22.86
C ASP A 650 -1.74 -12.25 -21.50
N VAL A 651 -2.76 -12.92 -20.98
CA VAL A 651 -2.59 -13.60 -19.70
C VAL A 651 -1.87 -14.93 -19.88
N GLU A 652 -2.16 -15.66 -20.96
CA GLU A 652 -1.31 -16.80 -21.32
C GLU A 652 0.13 -16.35 -21.53
N MET A 653 0.30 -15.13 -22.00
CA MET A 653 1.63 -14.55 -22.08
C MET A 653 2.25 -14.36 -20.71
N MET A 654 1.43 -13.96 -19.74
CA MET A 654 1.92 -13.63 -18.40
C MET A 654 2.31 -14.88 -17.61
N GLU A 655 1.47 -15.92 -17.65
CA GLU A 655 1.78 -17.12 -16.88
C GLU A 655 2.98 -17.85 -17.46
N LYS A 656 3.25 -17.67 -18.76
CA LYS A 656 4.48 -18.21 -19.31
C LYS A 656 5.70 -17.50 -18.73
N GLN A 657 5.54 -16.23 -18.36
CA GLN A 657 6.64 -15.48 -17.76
C GLN A 657 6.79 -15.78 -16.27
N ARG A 658 5.67 -15.98 -15.57
CA ARG A 658 5.74 -16.28 -14.14
C ARG A 658 6.48 -17.59 -13.89
N GLN A 659 6.03 -18.66 -14.55
CA GLN A 659 6.65 -19.97 -14.33
C GLN A 659 8.09 -19.99 -14.80
N ARG A 660 8.44 -19.15 -15.78
CA ARG A 660 9.81 -19.04 -16.23
C ARG A 660 10.71 -18.36 -15.19
N LEU A 661 10.13 -17.49 -14.35
CA LEU A 661 10.94 -16.70 -13.44
C LEU A 661 10.73 -17.05 -11.97
N GLN A 662 9.63 -17.71 -11.62
CA GLN A 662 9.31 -17.87 -10.21
C GLN A 662 10.31 -18.74 -9.46
N GLU A 663 11.23 -19.42 -10.14
CA GLU A 663 12.20 -20.23 -9.42
C GLU A 663 13.31 -19.38 -8.83
N ARG A 664 13.85 -18.43 -9.60
CA ARG A 664 14.84 -17.50 -9.05
C ARG A 664 14.18 -16.47 -8.15
N TRP A 665 13.02 -15.95 -8.55
CA TRP A 665 12.31 -14.92 -7.82
C TRP A 665 11.04 -15.52 -7.21
N GLY A 666 11.15 -15.97 -5.97
CA GLY A 666 10.07 -16.72 -5.34
C GLY A 666 8.84 -15.90 -5.01
N LEU A 667 8.95 -14.57 -5.01
CA LEU A 667 7.79 -13.74 -4.76
C LEU A 667 6.78 -13.79 -5.90
N LEU A 668 7.18 -14.33 -7.06
CA LEU A 668 6.23 -14.54 -8.15
C LEU A 668 5.22 -15.64 -7.83
N ARG A 669 5.60 -16.60 -6.98
CA ARG A 669 4.75 -17.77 -6.75
C ARG A 669 3.46 -17.38 -6.02
N CYS A 670 2.34 -17.74 -6.63
CA CYS A 670 1.03 -17.63 -6.00
C CYS A 670 0.33 -18.98 -5.86
N THR A 671 1.06 -20.09 -6.06
CA THR A 671 0.61 -21.43 -5.73
C THR A 671 1.79 -22.17 -5.12
N VAL A 672 1.50 -23.15 -4.26
CA VAL A 672 2.56 -23.88 -3.56
C VAL A 672 3.22 -24.87 -4.51
N SER A 673 4.54 -25.02 -4.39
CA SER A 673 5.35 -25.74 -5.36
C SER A 673 5.01 -27.23 -5.37
N GLU A 674 5.16 -27.83 -6.56
CA GLU A 674 5.00 -29.27 -6.73
C GLU A 674 6.38 -29.92 -6.62
N SER A 675 6.61 -30.62 -5.52
CA SER A 675 7.93 -31.22 -5.30
C SER A 675 8.19 -32.31 -6.34
N TRP A 676 9.42 -32.33 -6.85
CA TRP A 676 9.81 -33.30 -7.87
C TRP A 676 9.86 -34.70 -7.27
C2 SS9 B . -6.77 -13.42 24.84
C3 SS9 B . -7.14 -12.59 23.60
C4 SS9 B . -8.62 -12.75 23.25
C6 SS9 B . -9.13 -10.75 21.93
C7 SS9 B . -9.16 -10.22 20.49
C8 SS9 B . -8.62 -8.82 20.45
C9 SS9 B . -8.32 -8.41 19.04
C10 SS9 B . -8.71 -6.97 18.88
N1 SS9 B . -5.34 -13.76 24.96
N5 SS9 B . -8.85 -12.21 21.90
S11 SS9 B . -7.81 -6.43 17.45
ZN ZN C . -6.32 -7.60 16.42
P PO4 D . -0.92 -25.85 6.52
O1 PO4 D . 0.53 -25.97 6.12
O2 PO4 D . -1.44 -24.47 6.17
O3 PO4 D . -1.14 -26.11 8.00
O4 PO4 D . -1.70 -26.84 5.72
P PO4 E . -8.25 -24.02 5.99
O1 PO4 E . -7.60 -24.47 4.69
O2 PO4 E . -7.60 -24.65 7.20
O3 PO4 E . -8.12 -22.51 6.10
O4 PO4 E . -9.69 -24.39 6.00
K K F . -7.77 -8.82 9.77
K K G . -18.92 -7.25 1.30
#